data_2AII
#
_entry.id   2AII
#
_cell.length_a   62.058
_cell.length_b   109.788
_cell.length_c   43.461
_cell.angle_alpha   90.00
_cell.angle_beta   90.00
_cell.angle_gamma   90.00
#
_symmetry.space_group_name_H-M   'P 21 21 2'
#
loop_
_entity.id
_entity.type
_entity.pdbx_description
1 polymer 'Sulfatase modifying factor 1'
2 branched 2-acetamido-2-deoxy-beta-D-glucopyranose-(1-4)-2-acetamido-2-deoxy-beta-D-glucopyranose
3 non-polymer 'CALCIUM ION'
4 non-polymer ACETAMIDE
5 water water
#
_entity_poly.entity_id   1
_entity_poly.type   'polypeptide(L)'
_entity_poly.pdbx_seq_one_letter_code
;LAHSKMVPIPAGVFTMGTDDPQIKQDGEAPARRVTIDAFYMDAYEVSNTEFEKFVNSTGYLTEAEKFGDSFVFEGMLSEQ
VKTNIQQAVAAAPWWLPVKGANWRHPEGPDSTILHRPDHPVLHVSWNDAVAYCTWAGKRLPTEAEWEYSCRGGLHNRLFP
WGNKLQPKGQHYANIWQGEFPVTNTGEDGFQGTAPVDAFPPNGYGLYNIVGNAWEWTSDWWTVHHSVEETLNPKGPPSGK
DRVKKGGSYMCHRSYCYRYRCAARSQNTPDSSASNLGFRCAADRLP
;
_entity_poly.pdbx_strand_id   X
#
# COMPACT_ATOMS: atom_id res chain seq x y z
N LEU A 1 -16.66 10.66 -10.43
CA LEU A 1 -15.40 10.16 -9.79
C LEU A 1 -14.41 11.28 -9.60
N ALA A 2 -13.78 11.30 -8.42
CA ALA A 2 -12.69 12.23 -8.14
C ALA A 2 -11.55 11.42 -7.53
N HIS A 3 -11.08 10.43 -8.30
CA HIS A 3 -10.13 9.46 -7.76
C HIS A 3 -8.69 9.96 -7.64
N SER A 4 -8.44 11.24 -7.94
N SER A 4 -8.46 11.24 -7.95
CA SER A 4 -7.15 11.84 -7.61
CA SER A 4 -7.17 11.87 -7.66
C SER A 4 -7.28 12.90 -6.52
C SER A 4 -7.27 12.88 -6.53
N LYS A 5 -8.42 12.93 -5.84
CA LYS A 5 -8.62 13.91 -4.79
C LYS A 5 -7.75 13.62 -3.56
N MET A 6 -7.38 14.69 -2.89
CA MET A 6 -6.55 14.63 -1.70
C MET A 6 -7.35 15.18 -0.54
N VAL A 7 -6.99 14.70 0.64
CA VAL A 7 -7.58 15.20 1.89
C VAL A 7 -6.48 15.86 2.72
N PRO A 8 -6.86 16.84 3.54
CA PRO A 8 -5.88 17.45 4.44
C PRO A 8 -5.69 16.58 5.67
N ILE A 9 -4.45 16.16 5.91
CA ILE A 9 -4.08 15.41 7.10
C ILE A 9 -3.61 16.43 8.11
N PRO A 10 -4.26 16.48 9.28
CA PRO A 10 -3.93 17.56 10.20
C PRO A 10 -2.58 17.40 10.85
N ALA A 11 -1.98 18.51 11.26
CA ALA A 11 -0.76 18.48 12.06
C ALA A 11 -1.02 17.71 13.34
N GLY A 12 -0.05 16.93 13.78
CA GLY A 12 -0.20 16.26 15.05
C GLY A 12 1.03 15.52 15.50
N VAL A 13 0.93 14.94 16.67
CA VAL A 13 1.92 14.03 17.24
C VAL A 13 1.24 12.69 17.43
N PHE A 14 1.95 11.61 17.11
CA PHE A 14 1.36 10.29 17.21
C PHE A 14 2.38 9.27 17.61
N THR A 15 1.90 8.09 18.01
CA THR A 15 2.78 6.99 18.36
C THR A 15 2.92 6.12 17.13
N MET A 16 4.15 6.06 16.61
CA MET A 16 4.48 5.22 15.47
C MET A 16 5.02 3.92 16.01
N GLY A 17 4.72 2.82 15.33
CA GLY A 17 5.11 1.50 15.81
C GLY A 17 4.28 1.05 16.99
N THR A 18 4.77 0.03 17.69
CA THR A 18 4.04 -0.54 18.82
C THR A 18 4.99 -1.23 19.79
N ASP A 19 4.67 -1.16 21.09
CA ASP A 19 5.46 -1.88 22.08
C ASP A 19 4.90 -3.29 22.29
N ASP A 20 3.89 -3.64 21.49
CA ASP A 20 3.34 -4.99 21.44
C ASP A 20 3.45 -5.51 19.99
N PRO A 21 4.69 -5.60 19.49
CA PRO A 21 4.87 -6.01 18.10
C PRO A 21 4.32 -7.40 17.83
N GLN A 22 3.71 -7.57 16.67
CA GLN A 22 3.20 -8.87 16.26
C GLN A 22 4.15 -9.60 15.32
N ILE A 23 4.91 -8.87 14.52
CA ILE A 23 5.97 -9.45 13.68
C ILE A 23 7.25 -8.76 14.09
N LYS A 24 7.89 -9.28 15.14
CA LYS A 24 9.03 -8.61 15.75
C LYS A 24 10.19 -8.40 14.79
N GLN A 25 10.41 -9.36 13.89
CA GLN A 25 11.50 -9.24 12.92
C GLN A 25 11.40 -8.02 12.02
N ASP A 26 10.19 -7.48 11.85
CA ASP A 26 9.98 -6.34 10.96
C ASP A 26 10.19 -4.99 11.62
N GLY A 27 10.67 -4.97 12.87
CA GLY A 27 10.91 -3.70 13.52
C GLY A 27 9.66 -2.87 13.70
N GLU A 28 8.59 -3.53 14.13
CA GLU A 28 7.36 -2.84 14.54
C GLU A 28 7.55 -2.06 15.83
N ALA A 29 8.51 -2.51 16.63
CA ALA A 29 8.87 -1.88 17.89
C ALA A 29 10.18 -1.16 17.71
N PRO A 30 10.47 -0.18 18.59
CA PRO A 30 9.62 0.30 19.66
C PRO A 30 8.62 1.36 19.23
N ALA A 31 7.57 1.52 20.01
CA ALA A 31 6.68 2.67 19.91
C ALA A 31 7.50 3.93 20.11
N ARG A 32 7.23 4.94 19.30
CA ARG A 32 7.96 6.20 19.38
C ARG A 32 7.05 7.36 18.98
N ARG A 33 7.22 8.48 19.67
CA ARG A 33 6.41 9.66 19.40
C ARG A 33 6.99 10.47 18.27
N VAL A 34 6.15 10.76 17.28
CA VAL A 34 6.56 11.41 16.05
C VAL A 34 5.63 12.57 15.77
N THR A 35 6.22 13.72 15.43
CA THR A 35 5.47 14.92 15.09
C THR A 35 5.45 15.05 13.57
N ILE A 36 4.27 15.30 13.01
CA ILE A 36 4.04 15.41 11.59
C ILE A 36 3.36 16.75 11.30
N ASP A 37 3.93 17.51 10.36
CA ASP A 37 3.32 18.77 9.93
C ASP A 37 2.13 18.48 9.04
N ALA A 38 1.16 19.40 9.03
CA ALA A 38 0.00 19.25 8.16
C ALA A 38 0.45 19.05 6.71
N PHE A 39 -0.25 18.17 6.00
CA PHE A 39 0.03 17.91 4.60
C PHE A 39 -1.21 17.29 3.96
N TYR A 40 -1.14 16.96 2.67
CA TYR A 40 -2.27 16.36 1.95
C TYR A 40 -1.93 14.93 1.56
N MET A 41 -2.94 14.06 1.64
CA MET A 41 -2.79 12.65 1.23
C MET A 41 -3.89 12.29 0.25
N ASP A 42 -3.53 11.55 -0.79
CA ASP A 42 -4.55 11.00 -1.69
C ASP A 42 -5.58 10.19 -0.89
N ALA A 43 -6.87 10.44 -1.15
CA ALA A 43 -7.94 9.66 -0.52
C ALA A 43 -7.91 8.19 -0.93
N TYR A 44 -7.46 7.95 -2.16
CA TYR A 44 -7.53 6.63 -2.79
C TYR A 44 -6.15 6.19 -3.25
N GLU A 45 -5.97 4.88 -3.29
CA GLU A 45 -4.85 4.31 -4.07
C GLU A 45 -4.99 4.83 -5.49
N VAL A 46 -3.87 4.99 -6.18
CA VAL A 46 -3.90 5.42 -7.57
C VAL A 46 -4.51 4.29 -8.41
N SER A 47 -5.55 4.61 -9.19
CA SER A 47 -6.28 3.62 -9.95
C SER A 47 -5.69 3.41 -11.33
N ASN A 48 -6.17 2.36 -11.99
CA ASN A 48 -5.75 2.11 -13.36
C ASN A 48 -6.06 3.31 -14.27
N THR A 49 -7.23 3.89 -14.13
CA THR A 49 -7.60 5.04 -14.98
C THR A 49 -6.65 6.22 -14.73
N GLU A 50 -6.37 6.48 -13.46
CA GLU A 50 -5.50 7.60 -13.14
C GLU A 50 -4.07 7.35 -13.65
N PHE A 51 -3.58 6.12 -13.50
CA PHE A 51 -2.24 5.80 -14.03
C PHE A 51 -2.19 5.88 -15.55
N GLU A 52 -3.28 5.48 -16.20
CA GLU A 52 -3.34 5.57 -17.66
C GLU A 52 -3.24 7.01 -18.13
N LYS A 53 -3.82 7.95 -17.36
CA LYS A 53 -3.70 9.39 -17.73
C LYS A 53 -2.22 9.78 -17.74
N PHE A 54 -1.48 9.31 -16.75
CA PHE A 54 -0.03 9.55 -16.63
C PHE A 54 0.70 8.97 -17.83
N VAL A 55 0.42 7.71 -18.15
CA VAL A 55 1.09 7.06 -19.27
C VAL A 55 0.71 7.73 -20.59
N ASN A 56 -0.55 8.11 -20.75
CA ASN A 56 -0.99 8.82 -21.97
C ASN A 56 -0.21 10.12 -22.15
N SER A 57 0.01 10.82 -21.06
CA SER A 57 0.68 12.12 -21.08
C SER A 57 2.18 12.01 -21.39
N THR A 58 2.83 11.04 -20.75
CA THR A 58 4.30 10.99 -20.71
C THR A 58 4.90 9.90 -21.60
N GLY A 59 4.10 8.91 -21.96
CA GLY A 59 4.61 7.72 -22.64
C GLY A 59 5.35 6.75 -21.74
N TYR A 60 5.27 6.95 -20.42
CA TYR A 60 6.11 6.20 -19.46
C TYR A 60 5.94 4.69 -19.59
N LEU A 61 7.07 4.00 -19.76
CA LEU A 61 7.13 2.55 -19.74
C LEU A 61 7.60 2.09 -18.36
N THR A 62 6.79 1.26 -17.71
CA THR A 62 7.08 0.84 -16.36
C THR A 62 8.19 -0.19 -16.34
N GLU A 63 8.82 -0.35 -15.18
CA GLU A 63 9.93 -1.26 -15.06
C GLU A 63 9.55 -2.72 -15.40
N ALA A 64 8.37 -3.14 -15.00
CA ALA A 64 7.91 -4.49 -15.33
C ALA A 64 7.80 -4.69 -16.84
N GLU A 65 7.40 -3.64 -17.55
CA GLU A 65 7.27 -3.76 -18.99
C GLU A 65 8.63 -3.90 -19.65
N LYS A 66 9.60 -3.16 -19.12
CA LYS A 66 10.97 -3.22 -19.65
C LYS A 66 11.68 -4.51 -19.28
N PHE A 67 11.47 -5.00 -18.06
CA PHE A 67 12.06 -6.29 -17.63
C PHE A 67 11.38 -7.45 -18.36
N GLY A 68 10.10 -7.32 -18.67
CA GLY A 68 9.36 -8.35 -19.38
C GLY A 68 8.62 -9.34 -18.50
N ASP A 69 8.68 -9.15 -17.18
CA ASP A 69 7.90 -9.99 -16.27
C ASP A 69 7.61 -9.25 -14.98
N SER A 70 6.74 -9.82 -14.16
CA SER A 70 6.43 -9.30 -12.82
C SER A 70 5.82 -10.42 -12.00
N PHE A 71 5.79 -10.27 -10.69
CA PHE A 71 5.28 -11.33 -9.82
C PHE A 71 3.76 -11.37 -9.75
N VAL A 72 3.20 -12.58 -9.91
CA VAL A 72 1.77 -12.81 -9.86
C VAL A 72 1.49 -13.94 -8.86
N PHE A 73 0.44 -13.77 -8.06
CA PHE A 73 0.01 -14.78 -7.11
C PHE A 73 -0.57 -15.97 -7.87
N GLU A 74 -0.07 -17.16 -7.55
CA GLU A 74 -0.50 -18.38 -8.28
C GLU A 74 -2.01 -18.58 -8.33
N GLY A 75 -2.68 -18.22 -7.24
CA GLY A 75 -4.10 -18.51 -7.10
C GLY A 75 -4.96 -17.79 -8.11
N MET A 76 -4.40 -16.77 -8.75
CA MET A 76 -5.19 -15.96 -9.67
C MET A 76 -4.76 -16.07 -11.11
N LEU A 77 -3.85 -17.01 -11.36
CA LEU A 77 -3.52 -17.41 -12.73
C LEU A 77 -4.62 -18.31 -13.28
N ALA A 90 11.42 -15.78 -6.46
CA ALA A 90 10.16 -15.60 -5.75
C ALA A 90 10.33 -15.56 -4.23
N ALA A 91 9.52 -14.72 -3.58
CA ALA A 91 9.48 -14.60 -2.11
C ALA A 91 8.82 -15.80 -1.42
N ALA A 92 7.96 -16.50 -2.13
CA ALA A 92 7.23 -17.64 -1.61
C ALA A 92 6.79 -18.50 -2.77
N PRO A 93 6.50 -19.78 -2.53
CA PRO A 93 6.09 -20.63 -3.65
C PRO A 93 4.86 -20.13 -4.43
N TRP A 94 4.01 -19.34 -3.79
CA TRP A 94 2.80 -18.84 -4.45
C TRP A 94 3.05 -17.55 -5.24
N TRP A 95 4.29 -17.08 -5.29
CA TRP A 95 4.63 -15.95 -6.16
C TRP A 95 5.41 -16.42 -7.36
N LEU A 96 4.88 -16.19 -8.56
CA LEU A 96 5.51 -16.65 -9.78
C LEU A 96 5.92 -15.46 -10.63
N PRO A 97 7.14 -15.49 -11.19
CA PRO A 97 7.52 -14.48 -12.19
C PRO A 97 6.82 -14.81 -13.50
N VAL A 98 5.91 -13.95 -13.91
CA VAL A 98 5.11 -14.24 -15.09
C VAL A 98 5.50 -13.30 -16.23
N LYS A 99 5.89 -13.89 -17.35
N LYS A 99 5.89 -13.88 -17.36
CA LYS A 99 6.28 -13.10 -18.51
CA LYS A 99 6.28 -13.10 -18.51
C LYS A 99 5.06 -12.35 -19.02
C LYS A 99 5.06 -12.35 -19.02
N GLY A 100 5.22 -11.05 -19.26
CA GLY A 100 4.15 -10.23 -19.78
C GLY A 100 3.10 -9.79 -18.77
N ALA A 101 3.35 -10.05 -17.48
CA ALA A 101 2.51 -9.46 -16.42
C ALA A 101 2.98 -8.03 -16.14
N ASN A 102 2.04 -7.11 -16.12
CA ASN A 102 2.38 -5.70 -15.90
C ASN A 102 1.07 -4.97 -15.62
N TRP A 103 1.14 -3.65 -15.44
CA TRP A 103 -0.04 -2.93 -14.97
C TRP A 103 -1.27 -3.09 -15.85
N ARG A 104 -1.06 -3.26 -17.17
CA ARG A 104 -2.20 -3.41 -18.09
C ARG A 104 -2.70 -4.86 -18.19
N HIS A 105 -1.89 -5.78 -17.68
CA HIS A 105 -2.10 -7.21 -17.82
C HIS A 105 -1.76 -7.90 -16.50
N PRO A 106 -2.61 -7.68 -15.47
CA PRO A 106 -2.20 -7.99 -14.09
C PRO A 106 -1.93 -9.45 -13.75
N GLU A 107 -2.46 -10.38 -14.54
CA GLU A 107 -2.15 -11.80 -14.34
C GLU A 107 -1.34 -12.41 -15.48
N GLY A 108 -0.88 -11.58 -16.41
N GLY A 108 -0.85 -11.58 -16.39
CA GLY A 108 -0.18 -12.07 -17.59
CA GLY A 108 -0.12 -12.07 -17.58
C GLY A 108 -0.78 -11.52 -18.87
C GLY A 108 -0.82 -11.63 -18.86
N PRO A 109 -0.20 -11.90 -20.03
CA PRO A 109 -0.56 -11.28 -21.31
C PRO A 109 -2.01 -11.39 -21.77
N ASP A 110 -2.73 -12.40 -21.29
N ASP A 110 -2.72 -12.39 -21.28
CA ASP A 110 -4.13 -12.59 -21.68
CA ASP A 110 -4.11 -12.63 -21.69
C ASP A 110 -5.12 -12.22 -20.57
C ASP A 110 -5.14 -11.92 -20.80
N SER A 111 -4.67 -11.33 -19.68
CA SER A 111 -5.56 -10.65 -18.74
C SER A 111 -5.60 -9.21 -19.16
N THR A 112 -6.59 -8.49 -18.64
CA THR A 112 -6.78 -7.09 -19.01
C THR A 112 -7.28 -6.27 -17.83
N ILE A 113 -7.17 -4.95 -17.95
CA ILE A 113 -7.77 -4.02 -16.96
C ILE A 113 -9.05 -3.35 -17.45
N LEU A 114 -9.58 -3.77 -18.60
CA LEU A 114 -10.70 -3.04 -19.18
C LEU A 114 -11.96 -3.08 -18.33
N HIS A 115 -12.14 -4.17 -17.59
CA HIS A 115 -13.28 -4.33 -16.70
C HIS A 115 -13.03 -3.85 -15.27
N ARG A 116 -11.84 -3.30 -15.00
CA ARG A 116 -11.47 -2.88 -13.65
C ARG A 116 -10.70 -1.56 -13.70
N PRO A 117 -11.27 -0.55 -14.38
CA PRO A 117 -10.58 0.73 -14.51
C PRO A 117 -10.38 1.46 -13.18
N ASP A 118 -11.30 1.25 -12.23
N ASP A 118 -11.30 1.23 -12.23
CA ASP A 118 -11.29 1.94 -10.95
CA ASP A 118 -11.28 1.93 -10.94
C ASP A 118 -10.62 1.14 -9.82
C ASP A 118 -10.54 1.17 -9.84
N HIS A 119 -9.95 0.03 -10.18
CA HIS A 119 -9.15 -0.73 -9.23
C HIS A 119 -7.77 -0.12 -9.13
N PRO A 120 -7.05 -0.37 -8.01
CA PRO A 120 -5.70 0.17 -7.89
C PRO A 120 -4.79 -0.34 -8.99
N VAL A 121 -3.91 0.52 -9.49
CA VAL A 121 -2.86 0.08 -10.40
C VAL A 121 -1.88 -0.82 -9.66
N LEU A 122 -1.48 -1.88 -10.36
CA LEU A 122 -0.59 -2.91 -9.83
C LEU A 122 0.65 -3.03 -10.70
N HIS A 123 1.61 -3.83 -10.24
CA HIS A 123 2.86 -4.07 -11.00
C HIS A 123 3.62 -2.77 -11.25
N VAL A 124 3.51 -1.86 -10.29
CA VAL A 124 4.25 -0.60 -10.31
C VAL A 124 5.36 -0.64 -9.27
N SER A 125 6.58 -0.40 -9.72
CA SER A 125 7.72 -0.33 -8.85
C SER A 125 7.76 0.97 -8.09
N TRP A 126 8.72 1.06 -7.17
CA TRP A 126 8.91 2.28 -6.41
C TRP A 126 9.27 3.45 -7.36
N ASN A 127 10.13 3.18 -8.32
CA ASN A 127 10.49 4.17 -9.31
C ASN A 127 9.29 4.58 -10.14
N ASP A 128 8.44 3.63 -10.53
CA ASP A 128 7.23 3.95 -11.30
C ASP A 128 6.32 4.88 -10.46
N ALA A 129 6.18 4.55 -9.18
CA ALA A 129 5.34 5.32 -8.26
C ALA A 129 5.86 6.75 -8.10
N VAL A 130 7.17 6.89 -7.96
CA VAL A 130 7.76 8.22 -7.83
C VAL A 130 7.53 9.04 -9.12
N ALA A 131 7.66 8.40 -10.28
CA ALA A 131 7.42 9.06 -11.56
C ALA A 131 5.98 9.58 -11.63
N TYR A 132 5.04 8.71 -11.28
CA TYR A 132 3.65 9.11 -11.31
C TYR A 132 3.40 10.28 -10.36
N CYS A 133 3.79 10.11 -9.12
CA CYS A 133 3.46 11.12 -8.10
C CYS A 133 4.06 12.47 -8.49
N THR A 134 5.32 12.46 -8.94
N THR A 134 5.32 12.44 -8.94
CA THR A 134 5.97 13.71 -9.32
CA THR A 134 6.00 13.66 -9.36
C THR A 134 5.29 14.32 -10.56
C THR A 134 5.30 14.30 -10.55
N TRP A 135 4.91 13.49 -11.53
CA TRP A 135 4.17 13.99 -12.69
C TRP A 135 2.91 14.70 -12.23
N ALA A 136 2.26 14.14 -11.20
CA ALA A 136 1.02 14.69 -10.67
C ALA A 136 1.17 15.92 -9.75
N GLY A 137 2.39 16.39 -9.54
CA GLY A 137 2.62 17.52 -8.67
C GLY A 137 2.66 17.12 -7.21
N LYS A 138 2.96 15.84 -6.98
CA LYS A 138 2.92 15.24 -5.66
C LYS A 138 4.21 14.47 -5.37
N ARG A 139 4.18 13.58 -4.38
CA ARG A 139 5.35 12.80 -3.96
C ARG A 139 4.82 11.57 -3.25
N LEU A 140 5.70 10.60 -3.00
CA LEU A 140 5.31 9.51 -2.09
C LEU A 140 5.27 10.07 -0.66
N PRO A 141 4.41 9.50 0.21
CA PRO A 141 4.48 9.82 1.63
C PRO A 141 5.66 9.13 2.26
N THR A 142 6.19 9.69 3.36
CA THR A 142 7.15 8.97 4.17
C THR A 142 6.42 7.88 4.92
N GLU A 143 7.15 6.92 5.49
CA GLU A 143 6.50 5.89 6.28
C GLU A 143 5.73 6.50 7.45
N ALA A 144 6.35 7.46 8.14
CA ALA A 144 5.68 8.10 9.27
C ALA A 144 4.42 8.82 8.83
N GLU A 145 4.48 9.55 7.73
CA GLU A 145 3.26 10.21 7.21
C GLU A 145 2.18 9.17 6.91
N TRP A 146 2.61 8.10 6.25
CA TRP A 146 1.71 7.04 5.84
C TRP A 146 1.04 6.45 7.08
N GLU A 147 1.84 6.10 8.10
CA GLU A 147 1.30 5.44 9.28
C GLU A 147 0.37 6.36 10.07
N TYR A 148 0.80 7.60 10.27
CA TYR A 148 -0.07 8.60 10.90
C TYR A 148 -1.42 8.68 10.18
N SER A 149 -1.38 8.71 8.86
CA SER A 149 -2.59 8.84 8.05
C SER A 149 -3.46 7.58 8.19
N CYS A 150 -2.80 6.43 8.15
CA CYS A 150 -3.48 5.14 8.31
C CYS A 150 -4.28 5.12 9.61
N ARG A 151 -3.65 5.60 10.68
CA ARG A 151 -4.26 5.52 12.01
C ARG A 151 -5.49 6.40 12.14
N GLY A 152 -5.63 7.41 11.28
CA GLY A 152 -6.89 8.12 11.15
C GLY A 152 -7.37 8.79 12.44
N GLY A 153 -6.43 9.31 13.22
CA GLY A 153 -6.73 10.10 14.39
C GLY A 153 -6.97 9.31 15.64
N LEU A 154 -6.79 7.99 15.58
CA LEU A 154 -6.88 7.13 16.76
C LEU A 154 -5.50 6.78 17.28
N HIS A 155 -5.41 6.55 18.59
CA HIS A 155 -4.15 6.28 19.26
C HIS A 155 -3.97 4.79 19.56
N ASN A 156 -2.86 4.24 19.08
CA ASN A 156 -2.42 2.88 19.44
C ASN A 156 -3.44 1.78 19.18
N ARG A 157 -4.17 1.92 18.06
CA ARG A 157 -5.10 0.88 17.63
C ARG A 157 -4.48 0.03 16.53
N LEU A 158 -5.04 -1.16 16.35
CA LEU A 158 -4.52 -2.08 15.35
C LEU A 158 -4.78 -1.62 13.93
N PHE A 159 -6.00 -1.13 13.69
CA PHE A 159 -6.51 -0.84 12.36
C PHE A 159 -6.94 0.61 12.28
N PRO A 160 -7.12 1.12 11.06
CA PRO A 160 -7.57 2.50 10.91
C PRO A 160 -8.83 2.86 11.69
N TRP A 161 -9.68 1.87 11.94
CA TRP A 161 -11.00 2.06 12.53
C TRP A 161 -11.07 1.65 13.98
N GLY A 162 -9.99 1.07 14.55
CA GLY A 162 -10.03 0.55 15.91
C GLY A 162 -9.36 -0.81 16.02
N ASN A 163 -9.77 -1.59 17.02
CA ASN A 163 -9.14 -2.88 17.32
C ASN A 163 -9.89 -4.12 16.88
N LYS A 164 -11.15 -3.99 16.48
CA LYS A 164 -11.94 -5.13 16.01
C LYS A 164 -11.78 -5.26 14.50
N LEU A 165 -11.54 -6.47 14.00
CA LEU A 165 -11.41 -6.66 12.54
C LEU A 165 -12.70 -6.34 11.81
N GLN A 166 -13.83 -6.75 12.37
CA GLN A 166 -15.15 -6.54 11.76
C GLN A 166 -16.06 -5.79 12.70
N PRO A 167 -15.84 -4.48 12.82
CA PRO A 167 -16.66 -3.75 13.77
C PRO A 167 -18.11 -3.83 13.34
N LYS A 168 -19.00 -4.10 14.29
N LYS A 168 -19.00 -4.10 14.29
CA LYS A 168 -20.44 -4.16 14.02
CA LYS A 168 -20.44 -4.17 14.04
C LYS A 168 -20.77 -5.24 13.00
C LYS A 168 -20.78 -5.24 13.01
N GLY A 169 -19.91 -6.24 12.88
CA GLY A 169 -20.12 -7.31 11.94
C GLY A 169 -19.89 -6.96 10.48
N GLN A 170 -19.25 -5.81 10.23
CA GLN A 170 -19.06 -5.29 8.87
C GLN A 170 -17.61 -5.47 8.45
N HIS A 171 -17.41 -5.79 7.17
CA HIS A 171 -16.06 -5.75 6.61
C HIS A 171 -15.61 -4.31 6.37
N TYR A 172 -14.38 -4.00 6.81
CA TYR A 172 -13.83 -2.65 6.71
C TYR A 172 -12.62 -2.54 5.77
N ALA A 173 -12.17 -3.67 5.23
CA ALA A 173 -11.02 -3.70 4.32
C ALA A 173 -11.02 -4.96 3.52
N ASN A 174 -10.34 -4.91 2.39
CA ASN A 174 -10.22 -6.06 1.49
C ASN A 174 -8.95 -6.85 1.78
N ILE A 175 -9.09 -7.94 2.52
CA ILE A 175 -8.02 -8.88 2.82
C ILE A 175 -8.53 -10.30 2.44
N TRP A 176 -7.91 -11.35 2.98
CA TRP A 176 -8.26 -12.71 2.61
C TRP A 176 -9.19 -13.30 3.65
N GLN A 177 -10.18 -14.06 3.20
CA GLN A 177 -10.94 -14.94 4.10
C GLN A 177 -10.83 -16.33 3.52
N GLY A 178 -10.70 -17.31 4.41
CA GLY A 178 -10.57 -18.71 4.00
C GLY A 178 -9.24 -19.28 4.43
N GLU A 179 -8.80 -20.34 3.76
CA GLU A 179 -7.54 -20.99 4.04
C GLU A 179 -6.48 -20.52 3.04
N PHE A 180 -5.56 -19.67 3.47
CA PHE A 180 -4.52 -19.15 2.56
C PHE A 180 -3.44 -20.22 2.37
N PRO A 181 -2.94 -20.38 1.14
CA PRO A 181 -3.28 -19.70 -0.14
C PRO A 181 -4.24 -20.47 -1.02
N VAL A 182 -4.80 -21.56 -0.49
CA VAL A 182 -5.60 -22.46 -1.31
C VAL A 182 -7.01 -21.91 -1.63
N THR A 183 -7.69 -21.32 -0.67
CA THR A 183 -9.08 -20.95 -0.87
C THR A 183 -9.36 -19.58 -0.28
N ASN A 184 -9.75 -18.65 -1.16
CA ASN A 184 -10.20 -17.33 -0.78
C ASN A 184 -11.69 -17.32 -0.99
N THR A 185 -12.46 -17.22 0.09
CA THR A 185 -13.90 -17.32 -0.02
C THR A 185 -14.57 -16.11 -0.63
N GLY A 186 -13.85 -14.97 -0.67
CA GLY A 186 -14.43 -13.72 -1.17
C GLY A 186 -15.58 -13.21 -0.32
N GLU A 187 -15.55 -13.58 0.95
CA GLU A 187 -16.57 -13.15 1.90
C GLU A 187 -16.72 -11.62 1.93
N ASP A 188 -15.60 -10.88 1.88
CA ASP A 188 -15.64 -9.41 1.94
C ASP A 188 -16.08 -8.74 0.64
N GLY A 189 -16.38 -9.55 -0.37
CA GLY A 189 -16.85 -9.06 -1.66
C GLY A 189 -15.87 -9.05 -2.79
N PHE A 190 -14.60 -9.35 -2.49
CA PHE A 190 -13.53 -9.26 -3.49
C PHE A 190 -12.48 -10.31 -3.25
N GLN A 191 -12.22 -11.13 -4.27
CA GLN A 191 -11.12 -12.08 -4.19
C GLN A 191 -9.79 -11.42 -4.50
N GLY A 192 -9.74 -10.68 -5.61
CA GLY A 192 -8.59 -9.86 -5.92
C GLY A 192 -8.84 -8.46 -5.39
N THR A 193 -8.47 -7.46 -6.19
CA THR A 193 -8.64 -6.09 -5.80
C THR A 193 -10.11 -5.68 -5.83
N ALA A 194 -10.37 -4.59 -5.10
CA ALA A 194 -11.63 -3.87 -5.09
C ALA A 194 -11.41 -2.50 -5.70
N PRO A 195 -12.49 -1.83 -6.14
CA PRO A 195 -12.36 -0.44 -6.55
C PRO A 195 -11.70 0.40 -5.47
N VAL A 196 -10.99 1.45 -5.89
CA VAL A 196 -10.22 2.25 -4.94
C VAL A 196 -11.09 2.99 -3.92
N ASP A 197 -12.38 3.15 -4.23
CA ASP A 197 -13.32 3.79 -3.32
C ASP A 197 -14.22 2.83 -2.56
N ALA A 198 -13.83 1.56 -2.52
CA ALA A 198 -14.57 0.55 -1.76
C ALA A 198 -14.27 0.68 -0.27
N PHE A 199 -15.20 0.17 0.54
CA PHE A 199 -15.07 0.08 2.01
C PHE A 199 -15.15 1.46 2.68
N PRO A 200 -15.39 1.48 4.00
CA PRO A 200 -15.54 2.81 4.61
C PRO A 200 -14.23 3.58 4.63
N PRO A 201 -14.32 4.92 4.64
CA PRO A 201 -13.13 5.73 4.89
C PRO A 201 -12.75 5.68 6.36
N ASN A 202 -11.49 5.99 6.66
CA ASN A 202 -11.07 6.16 8.05
C ASN A 202 -11.37 7.59 8.49
N GLY A 203 -10.93 7.93 9.69
CA GLY A 203 -11.29 9.22 10.28
C GLY A 203 -10.77 10.42 9.52
N TYR A 204 -9.75 10.22 8.67
CA TYR A 204 -9.20 11.29 7.87
C TYR A 204 -9.73 11.28 6.44
N GLY A 205 -10.61 10.35 6.07
CA GLY A 205 -11.11 10.36 4.71
C GLY A 205 -10.43 9.47 3.72
N LEU A 206 -9.65 8.52 4.25
CA LEU A 206 -8.82 7.65 3.42
C LEU A 206 -9.45 6.29 3.25
N TYR A 207 -9.37 5.77 2.03
CA TYR A 207 -9.97 4.49 1.64
C TYR A 207 -8.86 3.48 1.40
N ASN A 208 -9.07 2.24 1.85
CA ASN A 208 -8.20 1.09 1.55
C ASN A 208 -6.77 1.33 1.88
N ILE A 209 -6.55 2.07 2.97
CA ILE A 209 -5.20 2.30 3.43
C ILE A 209 -4.61 1.04 4.08
N VAL A 210 -5.44 0.20 4.71
CA VAL A 210 -5.04 -1.20 4.92
C VAL A 210 -5.80 -2.09 3.92
N GLY A 211 -5.13 -3.12 3.44
CA GLY A 211 -5.72 -3.98 2.45
C GLY A 211 -5.75 -3.42 1.03
N ASN A 212 -6.33 -4.25 0.17
CA ASN A 212 -6.48 -3.98 -1.26
C ASN A 212 -5.12 -4.11 -1.92
N ALA A 213 -4.43 -3.01 -2.23
CA ALA A 213 -3.02 -3.07 -2.66
C ALA A 213 -2.11 -2.59 -1.51
N TRP A 214 -0.95 -3.23 -1.36
CA TRP A 214 0.17 -2.68 -0.62
C TRP A 214 0.50 -1.29 -1.15
N GLU A 215 1.15 -0.47 -0.32
CA GLU A 215 1.46 0.88 -0.73
C GLU A 215 2.91 1.25 -0.48
N TRP A 216 3.60 1.65 -1.53
CA TRP A 216 4.96 2.14 -1.38
C TRP A 216 5.03 3.44 -0.57
N THR A 217 6.11 3.59 0.20
CA THR A 217 6.47 4.85 0.84
C THR A 217 7.86 5.27 0.42
N SER A 218 8.26 6.50 0.77
CA SER A 218 9.55 7.02 0.30
C SER A 218 10.77 6.46 1.05
N ASP A 219 10.56 5.89 2.23
CA ASP A 219 11.68 5.57 3.14
C ASP A 219 12.48 4.36 2.69
N TRP A 220 13.80 4.44 2.85
CA TRP A 220 14.61 3.23 2.87
C TRP A 220 14.23 2.40 4.10
N TRP A 221 14.31 1.08 3.96
CA TRP A 221 14.01 0.14 5.03
C TRP A 221 15.17 -0.03 6.03
N THR A 222 14.81 0.03 7.30
CA THR A 222 15.64 -0.50 8.39
C THR A 222 14.68 -1.06 9.43
N VAL A 223 15.19 -1.94 10.29
CA VAL A 223 14.44 -2.44 11.43
C VAL A 223 14.95 -1.81 12.73
N HIS A 224 15.94 -0.93 12.62
CA HIS A 224 16.52 -0.29 13.80
C HIS A 224 16.01 1.13 14.01
N HIS A 225 15.12 1.29 14.98
CA HIS A 225 14.56 2.60 15.35
C HIS A 225 14.85 3.01 16.80
N SER A 226 15.12 4.30 17.00
N SER A 226 15.09 4.30 16.98
CA SER A 226 15.29 4.85 18.35
CA SER A 226 15.26 4.89 18.31
C SER A 226 13.94 5.33 18.89
C SER A 226 13.89 5.19 18.90
N VAL A 227 13.84 5.43 20.21
CA VAL A 227 12.64 5.94 20.86
C VAL A 227 12.69 7.46 20.95
N GLU A 228 13.75 8.06 20.40
CA GLU A 228 13.88 9.51 20.40
C GLU A 228 12.71 10.12 19.65
N GLU A 229 12.22 11.24 20.15
CA GLU A 229 11.14 11.96 19.49
C GLU A 229 11.68 12.64 18.23
N THR A 230 10.93 12.55 17.13
CA THR A 230 11.36 13.13 15.86
C THR A 230 10.27 13.97 15.19
N LEU A 231 10.72 14.81 14.27
CA LEU A 231 9.88 15.72 13.52
C LEU A 231 10.00 15.38 12.04
N ASN A 232 8.87 15.06 11.42
CA ASN A 232 8.85 14.75 9.99
C ASN A 232 9.99 13.83 9.55
N PRO A 233 10.15 12.68 10.23
CA PRO A 233 11.28 11.81 9.92
C PRO A 233 11.17 11.21 8.52
N LYS A 234 12.32 11.00 7.88
CA LYS A 234 12.39 10.52 6.51
C LYS A 234 12.92 9.09 6.38
N GLY A 235 13.24 8.47 7.52
CA GLY A 235 13.86 7.17 7.53
C GLY A 235 15.36 7.28 7.35
N PRO A 236 16.04 6.15 7.28
CA PRO A 236 17.50 6.18 7.21
C PRO A 236 18.01 6.72 5.87
N PRO A 237 19.23 7.28 5.86
CA PRO A 237 19.79 7.90 4.66
C PRO A 237 20.18 6.94 3.54
N SER A 238 20.35 5.67 3.89
CA SER A 238 20.71 4.65 2.92
C SER A 238 20.00 3.35 3.21
N GLY A 239 20.07 2.44 2.25
CA GLY A 239 19.42 1.13 2.34
C GLY A 239 19.44 0.42 1.01
N LYS A 240 18.85 -0.76 0.98
CA LYS A 240 18.69 -1.53 -0.27
C LYS A 240 17.23 -1.72 -0.71
N ASP A 241 16.32 -1.74 0.26
N ASP A 241 16.32 -1.75 0.27
CA ASP A 241 14.90 -1.91 0.01
CA ASP A 241 14.89 -1.90 0.00
C ASP A 241 14.15 -0.66 0.47
C ASP A 241 14.14 -0.67 0.49
N ARG A 242 13.02 -0.37 -0.18
CA ARG A 242 12.14 0.71 0.27
C ARG A 242 11.00 0.09 1.07
N VAL A 243 10.41 0.88 1.95
CA VAL A 243 9.34 0.42 2.83
C VAL A 243 8.00 0.47 2.12
N LYS A 244 7.23 -0.62 2.26
CA LYS A 244 5.84 -0.67 1.84
C LYS A 244 4.95 -0.91 3.05
N LYS A 245 3.71 -0.42 2.99
CA LYS A 245 2.82 -0.46 4.15
C LYS A 245 1.41 -0.92 3.78
N GLY A 246 0.70 -1.40 4.80
CA GLY A 246 -0.75 -1.53 4.73
C GLY A 246 -1.34 -2.88 4.41
N GLY A 247 -0.53 -3.78 3.87
CA GLY A 247 -1.05 -5.07 3.40
C GLY A 247 -1.98 -4.97 2.20
N SER A 248 -2.51 -6.12 1.80
CA SER A 248 -3.24 -6.29 0.57
C SER A 248 -4.39 -7.28 0.71
N TYR A 249 -5.03 -7.52 -0.42
CA TYR A 249 -6.13 -8.48 -0.52
C TYR A 249 -5.72 -9.92 -0.18
N MET A 250 -4.40 -10.16 -0.13
N MET A 250 -4.41 -10.15 -0.12
CA MET A 250 -3.86 -11.47 0.20
CA MET A 250 -3.86 -11.47 0.21
C MET A 250 -3.67 -11.74 1.69
C MET A 250 -3.78 -11.75 1.71
N CYS A 251 -3.73 -10.70 2.54
CA CYS A 251 -3.35 -10.88 3.95
C CYS A 251 -4.35 -11.67 4.78
N HIS A 252 -3.83 -12.45 5.71
CA HIS A 252 -4.65 -13.17 6.67
C HIS A 252 -3.94 -13.30 8.01
N ARG A 253 -4.72 -13.34 9.08
CA ARG A 253 -4.19 -13.48 10.44
C ARG A 253 -3.27 -14.68 10.58
N SER A 254 -3.61 -15.76 9.89
CA SER A 254 -2.95 -17.06 10.04
C SER A 254 -1.56 -17.17 9.43
N TYR A 255 -1.23 -16.30 8.49
N TYR A 255 -1.19 -16.30 8.50
CA TYR A 255 0.08 -16.32 7.85
CA TYR A 255 0.11 -16.47 7.82
C TYR A 255 0.75 -15.00 8.02
C TYR A 255 0.91 -15.18 7.64
N CYS A 256 0.01 -13.97 7.63
N CYS A 256 0.33 -14.02 7.94
CA CYS A 256 0.60 -12.70 7.26
CA CYS A 256 1.11 -12.81 7.74
C CYS A 256 -0.25 -11.56 7.80
C CYS A 256 0.80 -11.65 8.71
N TYR A 257 -0.12 -11.32 9.09
N TYR A 257 -0.46 -11.44 8.98
CA TYR A 257 -0.93 -10.34 9.84
C TYR A 257 -0.42 -8.94 9.55
N ARG A 258 -0.41 -8.54 8.28
CA ARG A 258 0.20 -7.27 7.88
C ARG A 258 -0.78 -6.16 7.44
N TYR A 259 -2.03 -6.28 7.87
CA TYR A 259 -3.05 -5.26 7.57
C TYR A 259 -3.30 -4.37 8.80
N ARG A 260 -2.27 -4.20 9.62
CA ARG A 260 -2.29 -3.24 10.74
C ARG A 260 -1.50 -2.02 10.34
N CYS A 261 -1.85 -0.86 10.88
CA CYS A 261 -1.11 0.35 10.49
C CYS A 261 0.38 0.24 10.90
N ALA A 262 0.65 -0.43 12.03
CA ALA A 262 2.02 -0.54 12.52
C ALA A 262 2.87 -1.52 11.74
N ALA A 263 2.23 -2.43 11.00
CA ALA A 263 2.97 -3.42 10.21
C ALA A 263 3.79 -2.74 9.13
N ARG A 264 4.79 -3.45 8.64
CA ARG A 264 5.68 -2.87 7.63
C ARG A 264 6.43 -3.96 6.93
N SER A 265 6.72 -3.77 5.64
N SER A 265 6.61 -3.78 5.64
CA SER A 265 7.54 -4.73 4.88
CA SER A 265 7.42 -4.68 4.88
C SER A 265 8.38 -4.01 3.82
C SER A 265 8.23 -3.84 3.92
N GLN A 266 9.17 -4.73 3.02
N GLN A 266 8.86 -4.50 2.96
CA GLN A 266 10.11 -4.08 2.13
CA GLN A 266 9.78 -3.84 2.05
C GLN A 266 10.14 -4.75 0.79
C GLN A 266 10.12 -4.69 0.83
N ASN A 267 10.62 -4.01 -0.21
CA ASN A 267 11.03 -4.62 -1.47
C ASN A 267 12.09 -3.76 -2.12
N THR A 268 12.90 -4.35 -3.00
CA THR A 268 13.85 -3.52 -3.74
C THR A 268 13.04 -2.55 -4.61
N PRO A 269 13.56 -1.33 -4.83
CA PRO A 269 12.77 -0.32 -5.55
C PRO A 269 12.38 -0.66 -6.99
N ASP A 270 13.08 -1.62 -7.62
CA ASP A 270 12.72 -2.05 -8.96
C ASP A 270 11.78 -3.24 -8.98
N SER A 271 11.27 -3.64 -7.81
CA SER A 271 10.34 -4.75 -7.67
C SER A 271 8.94 -4.34 -8.06
N SER A 272 8.15 -5.31 -8.50
CA SER A 272 6.72 -5.09 -8.76
C SER A 272 5.97 -6.41 -8.54
N ALA A 273 4.68 -6.30 -8.23
CA ALA A 273 3.87 -7.49 -7.95
C ALA A 273 2.39 -7.19 -8.12
N SER A 274 1.58 -8.24 -8.22
CA SER A 274 0.15 -8.13 -8.47
C SER A 274 -0.68 -7.71 -7.24
N ASN A 275 -0.02 -7.39 -6.13
CA ASN A 275 -0.69 -6.89 -4.94
C ASN A 275 -0.08 -5.62 -4.38
N LEU A 276 0.68 -4.89 -5.20
CA LEU A 276 1.46 -3.75 -4.75
C LEU A 276 1.21 -2.55 -5.65
N GLY A 277 0.72 -1.48 -5.02
CA GLY A 277 0.44 -0.19 -5.67
C GLY A 277 0.95 0.93 -4.78
N PHE A 278 0.21 2.03 -4.77
CA PHE A 278 0.64 3.23 -4.04
C PHE A 278 -0.41 4.31 -4.05
N ARG A 279 -0.23 5.28 -3.14
CA ARG A 279 -0.94 6.56 -3.21
C ARG A 279 0.09 7.67 -3.02
N CYS A 280 -0.28 8.88 -3.44
CA CYS A 280 0.61 10.02 -3.29
C CYS A 280 0.23 10.94 -2.14
N ALA A 281 1.17 11.80 -1.79
CA ALA A 281 1.02 12.86 -0.80
C ALA A 281 1.58 14.16 -1.38
N ALA A 282 1.34 15.27 -0.70
CA ALA A 282 1.85 16.57 -1.17
C ALA A 282 1.91 17.53 -0.01
N ASP A 283 2.90 18.42 -0.02
N ASP A 283 2.85 18.47 -0.03
CA ASP A 283 3.00 19.46 1.01
CA ASP A 283 2.93 19.43 1.06
C ASP A 283 1.83 20.42 0.92
C ASP A 283 1.91 20.55 0.92
N ARG A 284 1.48 20.80 -0.31
CA ARG A 284 0.39 21.73 -0.59
C ARG A 284 -0.46 21.19 -1.77
N LEU A 285 -1.61 21.79 -2.00
CA LEU A 285 -2.47 21.30 -3.08
C LEU A 285 -1.84 21.55 -4.43
N PRO A 286 -1.78 20.52 -5.29
CA PRO A 286 -1.27 20.74 -6.63
C PRO A 286 -2.24 21.53 -7.52
#